data_4ZK0
#
_entry.id   4ZK0
#
_cell.length_a   50.808
_cell.length_b   68.273
_cell.length_c   105.773
_cell.angle_alpha   90.00
_cell.angle_beta   90.00
_cell.angle_gamma   90.00
#
_symmetry.space_group_name_H-M   'P 21 21 21'
#
loop_
_entity.id
_entity.type
_entity.pdbx_description
1 polymer 'Serpin B4'
2 non-polymer 'ZINC ION'
3 water water
#
_entity_poly.entity_id   1
_entity_poly.type   'polypeptide(L)'
_entity_poly.pdbx_seq_one_letter_code
;MNSLSEANTKFMFDLFQQFRKSKENNIFYSPISITSALGMVLLGAKDNTAQQIKKVLHFDQVTENTTGKAATYHVDRSGN
VHHQFQKLLTEFNKSTDAYELKIANKLFGEKTYLFLQEYLDAIKKFYQTSVESVDFANAPEESRKKINSWVESQTNEKIK
NLIPEGNIGSNTTLVLVNAIYFKGQWEKKFNKEDTKEEKFWPNKNTYKSIQMMRQYTSFHFASLEDVQAKVLEIPYKGKD
LSMIVLLPNEIDGLQKLEEKLTAEKLMEWTSLQNMRETRVDLHLPRFKVEESYDLKDTLRTMGMVDIFNGDADLSGMTGS
RGLVLSGVLHKAFVEVTEEGAEAAAATAVVGFGSSPTSTNEEFHCNHPFLFFIRQNKTNSILFYGRFSSP
;
_entity_poly.pdbx_strand_id   A
#
loop_
_chem_comp.id
_chem_comp.type
_chem_comp.name
_chem_comp.formula
ZN non-polymer 'ZINC ION' 'Zn 2'
#
# COMPACT_ATOMS: atom_id res chain seq x y z
N SER A 3 -1.58 16.33 8.87
CA SER A 3 -1.97 14.98 9.36
C SER A 3 -1.23 13.82 8.72
N LEU A 4 -1.20 12.72 9.45
CA LEU A 4 -0.51 11.53 9.01
C LEU A 4 -1.18 10.87 7.78
N SER A 5 -2.51 10.76 7.76
CA SER A 5 -3.18 10.26 6.58
C SER A 5 -2.88 11.06 5.33
N GLU A 6 -2.85 12.39 5.45
CA GLU A 6 -2.60 13.24 4.31
C GLU A 6 -1.14 13.07 3.84
N ALA A 7 -0.22 12.97 4.78
CA ALA A 7 1.14 12.73 4.42
C ALA A 7 1.30 11.38 3.67
N ASN A 8 0.66 10.32 4.16
CA ASN A 8 0.58 9.03 3.43
C ASN A 8 0.00 9.10 1.98
N THR A 9 -1.10 9.80 1.76
CA THR A 9 -1.55 10.03 0.39
C THR A 9 -0.57 10.74 -0.55
N LYS A 10 0.10 11.78 -0.06
CA LYS A 10 1.11 12.49 -0.86
C LYS A 10 2.29 11.60 -1.22
N PHE A 11 2.84 10.96 -0.20
CA PHE A 11 3.82 9.92 -0.46
C PHE A 11 3.35 8.89 -1.47
N MET A 12 2.12 8.40 -1.32
CA MET A 12 1.52 7.48 -2.29
C MET A 12 1.60 8.00 -3.73
N PHE A 13 1.15 9.24 -3.95
CA PHE A 13 1.25 9.86 -5.32
C PHE A 13 2.69 10.10 -5.76
N ASP A 14 3.62 10.47 -4.85
CA ASP A 14 5.04 10.53 -5.24
C ASP A 14 5.53 9.18 -5.70
N LEU A 15 5.18 8.14 -4.97
CA LEU A 15 5.58 6.79 -5.39
C LEU A 15 5.04 6.43 -6.78
N PHE A 16 3.76 6.74 -6.99
CA PHE A 16 3.08 6.40 -8.22
C PHE A 16 3.74 7.03 -9.46
N GLN A 17 4.15 8.29 -9.33
CA GLN A 17 4.87 9.02 -10.42
C GLN A 17 6.15 8.31 -10.75
N GLN A 18 6.83 7.77 -9.72
CA GLN A 18 8.00 6.90 -9.97
C GLN A 18 7.65 5.58 -10.60
N PHE A 19 6.58 4.93 -10.11
CA PHE A 19 6.25 3.61 -10.63
C PHE A 19 5.77 3.65 -12.09
N ARG A 20 5.16 4.77 -12.45
CA ARG A 20 4.74 4.98 -13.83
C ARG A 20 5.90 4.82 -14.81
N LYS A 21 7.14 5.02 -14.35
CA LYS A 21 8.28 4.90 -15.24
C LYS A 21 8.74 3.47 -15.49
N SER A 22 8.50 2.58 -14.57
CA SER A 22 9.00 1.22 -14.71
C SER A 22 7.90 0.20 -14.64
N LYS A 23 6.66 0.66 -14.58
CA LYS A 23 5.54 -0.25 -14.57
C LYS A 23 4.68 0.17 -15.71
N GLU A 24 4.63 -0.75 -16.67
CA GLU A 24 4.05 -0.52 -17.99
C GLU A 24 2.58 -0.80 -17.91
N ASN A 25 2.22 -1.83 -17.12
CA ASN A 25 0.83 -2.23 -17.04
C ASN A 25 0.22 -2.00 -15.65
N ASN A 26 -0.09 -3.05 -14.93
CA ASN A 26 -0.75 -2.91 -13.66
C ASN A 26 0.25 -2.44 -12.61
N ILE A 27 -0.28 -1.68 -11.65
CA ILE A 27 0.41 -1.11 -10.50
C ILE A 27 -0.51 -1.30 -9.29
N PHE A 28 0.08 -1.76 -8.20
CA PHE A 28 -0.65 -2.03 -6.98
C PHE A 28 0.30 -2.14 -5.79
N TYR A 29 -0.02 -1.39 -4.76
CA TYR A 29 0.82 -1.30 -3.62
C TYR A 29 0.02 -0.80 -2.42
N SER A 30 0.64 -0.94 -1.26
CA SER A 30 0.13 -0.39 -0.01
C SER A 30 1.05 0.69 0.48
N PRO A 31 0.65 1.97 0.27
CA PRO A 31 1.45 3.05 0.76
C PRO A 31 1.60 3.03 2.28
N ILE A 32 0.52 2.68 2.99
CA ILE A 32 0.57 2.62 4.46
C ILE A 32 1.58 1.59 5.00
N SER A 33 1.71 0.45 4.31
CA SER A 33 2.69 -0.57 4.65
C SER A 33 4.10 -0.02 4.57
N ILE A 34 4.36 0.70 3.50
CA ILE A 34 5.69 1.28 3.26
C ILE A 34 6.02 2.36 4.28
N THR A 35 5.02 3.21 4.49
CA THR A 35 5.09 4.24 5.52
C THR A 35 5.37 3.68 6.90
N SER A 36 4.68 2.62 7.28
CA SER A 36 4.86 2.03 8.54
C SER A 36 6.28 1.45 8.64
N ALA A 37 6.77 0.73 7.61
CA ALA A 37 8.13 0.21 7.69
C ALA A 37 9.16 1.33 7.87
N LEU A 38 9.05 2.38 7.06
CA LEU A 38 10.05 3.44 7.05
C LEU A 38 9.94 4.30 8.30
N GLY A 39 8.71 4.45 8.84
CA GLY A 39 8.50 4.98 10.20
C GLY A 39 9.31 4.29 11.29
N MET A 40 9.29 2.96 11.30
CA MET A 40 10.17 2.17 12.20
C MET A 40 11.67 2.47 12.01
N VAL A 41 12.07 2.71 10.79
CA VAL A 41 13.45 3.14 10.52
C VAL A 41 13.72 4.53 11.10
N LEU A 42 12.78 5.45 10.84
CA LEU A 42 12.88 6.81 11.29
C LEU A 42 13.14 6.88 12.78
N LEU A 43 12.51 6.02 13.53
CA LEU A 43 12.61 6.08 14.96
C LEU A 43 14.05 5.89 15.41
N GLY A 44 14.90 5.27 14.61
CA GLY A 44 16.29 5.05 14.99
C GLY A 44 17.26 5.84 14.13
N ALA A 45 16.74 6.73 13.27
CA ALA A 45 17.61 7.50 12.39
C ALA A 45 18.03 8.82 13.07
N LYS A 46 19.07 9.46 12.58
CA LYS A 46 19.47 10.78 13.17
C LYS A 46 19.79 11.79 12.08
N ASP A 47 19.79 13.08 12.41
CA ASP A 47 20.36 14.08 11.52
C ASP A 47 19.77 14.01 10.09
N ASN A 48 20.64 14.05 9.08
CA ASN A 48 20.18 14.07 7.70
C ASN A 48 19.59 12.75 7.23
N THR A 49 19.94 11.65 7.90
CA THR A 49 19.29 10.39 7.53
C THR A 49 17.82 10.51 7.89
N ALA A 50 17.56 11.08 9.05
CA ALA A 50 16.22 11.30 9.54
C ALA A 50 15.46 12.40 8.75
N GLN A 51 16.12 13.54 8.49
CA GLN A 51 15.52 14.60 7.66
C GLN A 51 15.14 14.11 6.26
N GLN A 52 15.97 13.29 5.64
CA GLN A 52 15.65 12.75 4.32
C GLN A 52 14.39 11.89 4.34
N ILE A 53 14.33 11.01 5.33
CA ILE A 53 13.17 10.12 5.41
C ILE A 53 11.93 10.94 5.63
N LYS A 54 12.00 11.85 6.60
CA LYS A 54 10.86 12.70 6.91
C LYS A 54 10.35 13.42 5.69
N LYS A 55 11.26 13.87 4.84
CA LYS A 55 10.91 14.67 3.71
C LYS A 55 10.29 13.81 2.69
N VAL A 56 10.87 12.64 2.43
CA VAL A 56 10.33 11.78 1.39
C VAL A 56 8.91 11.32 1.71
N LEU A 57 8.65 11.06 2.99
CA LEU A 57 7.35 10.57 3.46
C LEU A 57 6.38 11.66 3.78
N HIS A 58 6.82 12.92 3.69
CA HIS A 58 5.99 14.08 4.02
C HIS A 58 5.67 14.18 5.51
N PHE A 59 6.52 13.59 6.34
CA PHE A 59 6.32 13.65 7.77
C PHE A 59 6.74 15.00 8.30
N ASP A 60 7.60 15.69 7.56
CA ASP A 60 7.94 17.10 7.89
C ASP A 60 6.71 17.99 7.89
N GLN A 61 5.59 17.52 7.34
CA GLN A 61 4.32 18.26 7.37
C GLN A 61 3.36 17.75 8.43
N VAL A 62 3.74 16.78 9.26
CA VAL A 62 2.78 16.21 10.22
C VAL A 62 2.97 16.98 11.53
N THR A 63 1.91 17.63 11.99
CA THR A 63 1.97 18.47 13.16
C THR A 63 1.50 17.62 14.31
N GLU A 64 2.03 17.91 15.47
CA GLU A 64 1.55 17.45 16.77
C GLU A 64 0.03 17.65 16.85
N GLY A 79 8.60 12.39 15.89
CA GLY A 79 8.11 12.15 17.29
C GLY A 79 6.60 11.94 17.31
N ASN A 80 5.90 12.83 16.61
CA ASN A 80 4.44 12.78 16.61
C ASN A 80 3.94 12.04 15.39
N VAL A 81 4.79 11.85 14.40
CA VAL A 81 4.51 10.83 13.41
C VAL A 81 4.26 9.53 14.17
N HIS A 82 5.18 9.19 15.07
CA HIS A 82 5.13 7.94 15.77
C HIS A 82 3.89 7.81 16.66
N HIS A 83 3.57 8.89 17.38
CA HIS A 83 2.40 8.93 18.28
C HIS A 83 1.15 8.68 17.43
N GLN A 84 1.15 9.29 16.26
CA GLN A 84 -0.03 9.20 15.41
C GLN A 84 -0.15 7.82 14.77
N PHE A 85 0.98 7.23 14.42
CA PHE A 85 1.00 5.93 13.83
C PHE A 85 0.41 4.93 14.80
N GLN A 86 0.77 5.05 16.08
CA GLN A 86 0.19 4.21 17.12
C GLN A 86 -1.36 4.25 17.15
N LYS A 87 -1.94 5.43 17.11
CA LYS A 87 -3.42 5.57 16.95
C LYS A 87 -4.01 4.93 15.72
N LEU A 88 -3.36 5.22 14.61
CA LEU A 88 -3.79 4.65 13.33
C LEU A 88 -3.83 3.11 13.37
N LEU A 89 -2.73 2.51 13.85
CA LEU A 89 -2.59 1.08 13.92
C LEU A 89 -3.68 0.45 14.80
N THR A 90 -3.95 1.10 15.93
CA THR A 90 -5.00 0.62 16.82
C THR A 90 -6.36 0.71 16.15
N GLU A 91 -6.56 1.79 15.40
CA GLU A 91 -7.80 1.98 14.67
C GLU A 91 -7.95 0.97 13.52
N PHE A 92 -6.88 0.60 12.84
CA PHE A 92 -6.98 -0.30 11.71
C PHE A 92 -7.17 -1.77 12.10
N ASN A 93 -6.60 -2.19 13.22
CA ASN A 93 -6.66 -3.56 13.62
C ASN A 93 -8.03 -3.89 14.21
N LYS A 94 -9.00 -4.02 13.33
CA LYS A 94 -10.37 -4.31 13.63
C LYS A 94 -10.87 -5.27 12.59
N SER A 95 -11.57 -6.30 13.06
CA SER A 95 -12.29 -7.25 12.23
C SER A 95 -13.72 -7.39 12.71
N THR A 96 -14.58 -7.76 11.78
CA THR A 96 -15.98 -7.69 12.00
C THR A 96 -16.47 -8.97 11.37
N ASP A 97 -17.77 -9.29 11.45
CA ASP A 97 -18.27 -10.42 10.65
C ASP A 97 -18.20 -10.16 9.13
N ALA A 98 -18.12 -8.91 8.71
CA ALA A 98 -18.21 -8.51 7.31
C ALA A 98 -16.84 -8.32 6.58
N TYR A 99 -15.81 -7.99 7.35
CA TYR A 99 -14.47 -7.79 6.82
C TYR A 99 -13.42 -8.06 7.88
N GLU A 100 -12.19 -8.21 7.44
CA GLU A 100 -11.04 -8.24 8.35
C GLU A 100 -9.99 -7.26 7.81
N LEU A 101 -9.43 -6.47 8.73
CA LEU A 101 -8.30 -5.61 8.46
C LEU A 101 -7.23 -5.83 9.52
N LYS A 102 -6.01 -6.07 9.07
CA LYS A 102 -4.93 -6.36 9.99
C LYS A 102 -3.62 -5.81 9.46
N ILE A 103 -2.88 -5.17 10.35
CA ILE A 103 -1.63 -4.63 10.00
C ILE A 103 -0.71 -4.93 11.16
N ALA A 104 0.44 -5.52 10.83
CA ALA A 104 1.37 -6.07 11.81
C ALA A 104 2.76 -5.62 11.44
N ASN A 105 3.58 -5.28 12.44
CA ASN A 105 4.91 -4.90 12.22
C ASN A 105 5.75 -5.86 13.02
N LYS A 106 6.90 -6.18 12.49
CA LYS A 106 7.83 -7.06 13.19
C LYS A 106 9.32 -6.64 12.91
N LEU A 107 10.15 -6.81 13.91
CA LEU A 107 11.61 -6.66 13.72
C LEU A 107 12.23 -8.05 13.86
N PHE A 108 12.96 -8.50 12.84
CA PHE A 108 13.75 -9.68 12.92
C PHE A 108 15.22 -9.21 13.07
N GLY A 109 15.82 -9.41 14.24
CA GLY A 109 17.26 -9.10 14.39
C GLY A 109 18.16 -10.33 14.53
N GLU A 110 19.38 -10.18 14.02
CA GLU A 110 20.50 -11.12 14.28
C GLU A 110 20.61 -11.41 15.75
N LYS A 111 20.56 -12.69 16.13
CA LYS A 111 20.49 -13.02 17.58
C LYS A 111 21.65 -12.44 18.38
N THR A 112 22.82 -12.31 17.78
CA THR A 112 23.97 -11.81 18.55
C THR A 112 24.06 -10.29 18.57
N TYR A 113 23.25 -9.63 17.74
CA TYR A 113 23.35 -8.19 17.59
C TYR A 113 22.56 -7.52 18.68
N LEU A 114 23.06 -6.42 19.25
CA LEU A 114 22.38 -5.68 20.33
C LEU A 114 21.79 -4.38 19.84
N PHE A 115 20.51 -4.14 20.17
CA PHE A 115 19.88 -2.86 19.89
C PHE A 115 19.76 -2.09 21.18
N LEU A 116 19.70 -0.78 21.09
CA LEU A 116 19.32 0.01 22.25
C LEU A 116 17.93 -0.38 22.74
N GLN A 117 17.84 -0.52 24.05
CA GLN A 117 16.60 -0.89 24.67
C GLN A 117 15.56 0.20 24.42
N GLU A 118 15.99 1.43 24.22
CA GLU A 118 15.03 2.50 23.94
C GLU A 118 14.48 2.44 22.53
N TYR A 119 15.29 1.98 21.57
CA TYR A 119 14.77 1.84 20.19
C TYR A 119 13.71 0.74 20.21
N LEU A 120 14.03 -0.36 20.89
CA LEU A 120 13.11 -1.52 20.97
C LEU A 120 11.83 -1.18 21.67
N ASP A 121 11.92 -0.47 22.81
CA ASP A 121 10.74 -0.04 23.52
C ASP A 121 9.89 0.87 22.66
N ALA A 122 10.55 1.79 21.95
CA ALA A 122 9.83 2.78 21.13
C ALA A 122 9.05 2.06 20.00
N ILE A 123 9.71 1.16 19.27
CA ILE A 123 8.98 0.45 18.16
C ILE A 123 7.85 -0.44 18.69
N LYS A 124 8.06 -1.09 19.84
CA LYS A 124 6.97 -1.87 20.46
C LYS A 124 5.79 -1.00 20.82
N LYS A 125 6.07 0.19 21.34
CA LYS A 125 4.99 1.06 21.77
C LYS A 125 4.29 1.77 20.58
N PHE A 126 5.05 2.43 19.69
CA PHE A 126 4.40 3.22 18.66
C PHE A 126 3.93 2.41 17.44
N TYR A 127 4.66 1.34 17.11
CA TYR A 127 4.33 0.52 15.97
C TYR A 127 3.82 -0.89 16.31
N GLN A 128 3.61 -1.16 17.61
CA GLN A 128 3.09 -2.44 18.06
C GLN A 128 3.96 -3.55 17.55
N THR A 129 5.24 -3.25 17.43
CA THR A 129 6.13 -4.17 16.77
C THR A 129 6.44 -5.35 17.65
N SER A 130 6.35 -6.56 17.12
CA SER A 130 6.95 -7.68 17.82
C SER A 130 8.38 -7.87 17.34
N VAL A 131 9.18 -8.41 18.24
CA VAL A 131 10.59 -8.51 18.02
C VAL A 131 10.92 -9.98 18.02
N GLU A 132 11.58 -10.46 16.96
CA GLU A 132 12.09 -11.79 17.03
C GLU A 132 13.57 -11.76 16.73
N SER A 133 14.32 -12.68 17.29
CA SER A 133 15.70 -12.80 16.86
C SER A 133 15.93 -14.05 16.07
N VAL A 134 16.79 -13.94 15.05
CA VAL A 134 17.11 -15.02 14.16
C VAL A 134 18.59 -15.11 13.89
N ASP A 135 19.01 -16.22 13.32
CA ASP A 135 20.41 -16.47 13.06
C ASP A 135 20.77 -16.14 11.66
N PHE A 136 20.83 -14.85 11.38
CA PHE A 136 21.34 -14.42 10.09
C PHE A 136 22.81 -14.86 9.89
N ALA A 137 23.64 -14.76 10.95
CA ALA A 137 25.12 -14.98 10.86
C ALA A 137 25.49 -16.36 10.30
N ASN A 138 24.83 -17.39 10.79
CA ASN A 138 25.04 -18.75 10.34
C ASN A 138 23.95 -19.46 9.55
N ALA A 139 22.77 -18.85 9.38
CA ALA A 139 21.64 -19.53 8.71
C ALA A 139 20.74 -18.50 8.02
N PRO A 140 21.34 -17.74 7.11
CA PRO A 140 20.66 -16.64 6.55
C PRO A 140 19.51 -17.10 5.65
N GLU A 141 19.73 -18.17 4.89
CA GLU A 141 18.67 -18.78 4.09
C GLU A 141 17.49 -19.23 4.92
N GLU A 142 17.77 -19.90 6.00
CA GLU A 142 16.71 -20.36 6.85
C GLU A 142 16.02 -19.16 7.58
N SER A 143 16.76 -18.09 7.81
CA SER A 143 16.21 -16.88 8.46
C SER A 143 15.30 -16.20 7.47
N ARG A 144 15.75 -16.10 6.21
CA ARG A 144 14.96 -15.57 5.12
C ARG A 144 13.62 -16.32 5.00
N LYS A 145 13.67 -17.63 5.14
CA LYS A 145 12.49 -18.44 4.98
C LYS A 145 11.55 -18.28 6.14
N LYS A 146 12.08 -18.20 7.36
CA LYS A 146 11.25 -17.84 8.48
C LYS A 146 10.48 -16.51 8.24
N ILE A 147 11.17 -15.51 7.70
CA ILE A 147 10.55 -14.17 7.56
C ILE A 147 9.47 -14.22 6.51
N ASN A 148 9.79 -14.82 5.35
CA ASN A 148 8.82 -15.00 4.30
C ASN A 148 7.61 -15.77 4.77
N SER A 149 7.85 -16.77 5.59
CA SER A 149 6.79 -17.57 6.14
C SER A 149 5.91 -16.83 7.17
N TRP A 150 6.50 -15.98 8.01
CA TRP A 150 5.72 -15.06 8.85
C TRP A 150 4.81 -14.12 8.00
N VAL A 151 5.35 -13.55 6.93
CA VAL A 151 4.56 -12.71 6.04
C VAL A 151 3.36 -13.46 5.45
N GLU A 152 3.61 -14.65 4.94
CA GLU A 152 2.58 -15.53 4.48
C GLU A 152 1.53 -15.70 5.55
N SER A 153 1.95 -15.94 6.80
CA SER A 153 0.95 -16.17 7.84
C SER A 153 0.15 -14.91 8.16
N GLN A 154 0.63 -13.75 7.75
CA GLN A 154 -0.11 -12.53 8.04
C GLN A 154 -0.95 -12.09 6.84
N THR A 155 -0.84 -12.77 5.72
CA THR A 155 -1.44 -12.28 4.51
C THR A 155 -2.29 -13.38 3.85
N ASN A 156 -2.70 -14.36 4.65
CA ASN A 156 -3.47 -15.47 4.16
C ASN A 156 -2.77 -16.16 3.02
N GLU A 157 -1.45 -16.19 3.10
CA GLU A 157 -0.58 -16.71 2.05
C GLU A 157 -0.64 -16.06 0.70
N LYS A 158 -1.06 -14.78 0.64
CA LYS A 158 -1.15 -14.06 -0.66
C LYS A 158 0.14 -13.41 -1.03
N ILE A 159 1.01 -13.12 -0.06
CA ILE A 159 2.33 -12.56 -0.35
C ILE A 159 3.37 -13.63 0.00
N LYS A 160 3.86 -14.28 -1.03
CA LYS A 160 4.83 -15.36 -0.87
C LYS A 160 6.17 -14.83 -1.30
N ASN A 161 7.24 -15.29 -0.66
CA ASN A 161 8.62 -14.95 -1.10
C ASN A 161 8.89 -13.43 -1.11
N LEU A 162 8.37 -12.72 -0.09
CA LEU A 162 8.63 -11.27 -0.04
C LEU A 162 10.11 -10.92 -0.27
N ILE A 163 10.98 -11.65 0.38
CA ILE A 163 12.41 -11.38 0.27
C ILE A 163 13.06 -12.52 -0.52
N PRO A 164 13.36 -12.29 -1.79
CA PRO A 164 13.95 -13.41 -2.50
C PRO A 164 15.44 -13.68 -2.16
N GLU A 165 15.95 -14.82 -2.60
CA GLU A 165 17.28 -15.26 -2.23
C GLU A 165 18.28 -14.22 -2.61
N GLY A 166 19.25 -13.99 -1.72
CA GLY A 166 20.33 -13.03 -2.01
C GLY A 166 20.11 -11.63 -1.49
N ASN A 167 18.95 -11.38 -0.91
CA ASN A 167 18.69 -10.10 -0.29
C ASN A 167 18.96 -10.15 1.20
N ILE A 168 19.28 -11.33 1.70
CA ILE A 168 19.72 -11.56 3.05
C ILE A 168 21.07 -12.30 3.03
N GLY A 169 22.09 -11.80 3.72
CA GLY A 169 23.37 -12.52 3.88
C GLY A 169 23.73 -12.81 5.33
N SER A 170 24.88 -13.45 5.52
CA SER A 170 25.41 -13.68 6.87
C SER A 170 25.75 -12.38 7.57
N ASN A 171 25.99 -11.31 6.81
CA ASN A 171 26.23 -10.01 7.42
C ASN A 171 24.97 -9.13 7.65
N THR A 172 23.77 -9.62 7.30
CA THR A 172 22.49 -8.96 7.60
C THR A 172 22.27 -8.95 9.11
N THR A 173 21.92 -7.79 9.65
CA THR A 173 21.69 -7.67 11.07
C THR A 173 20.23 -7.33 11.40
N LEU A 174 19.49 -6.83 10.43
CA LEU A 174 18.11 -6.56 10.75
C LEU A 174 17.17 -6.58 9.54
N VAL A 175 15.93 -7.01 9.79
CA VAL A 175 14.90 -6.95 8.77
C VAL A 175 13.66 -6.45 9.46
N LEU A 176 13.26 -5.24 9.12
CA LEU A 176 12.00 -4.72 9.63
C LEU A 176 10.92 -5.02 8.62
N VAL A 177 9.77 -5.53 9.07
CA VAL A 177 8.70 -5.91 8.14
C VAL A 177 7.35 -5.31 8.55
N ASN A 178 6.61 -4.86 7.57
CA ASN A 178 5.18 -4.56 7.72
C ASN A 178 4.42 -5.47 6.82
N ALA A 179 3.38 -6.06 7.36
CA ALA A 179 2.39 -6.78 6.56
C ALA A 179 1.03 -6.14 6.81
N ILE A 180 0.20 -6.02 5.77
CA ILE A 180 -1.17 -5.58 5.85
C ILE A 180 -2.04 -6.57 5.10
N TYR A 181 -3.22 -6.90 5.69
CA TYR A 181 -4.18 -7.87 5.15
C TYR A 181 -5.62 -7.33 5.24
N PHE A 182 -6.33 -7.39 4.11
CA PHE A 182 -7.71 -7.01 4.10
C PHE A 182 -8.55 -8.03 3.35
N LYS A 183 -9.69 -8.40 3.92
CA LYS A 183 -10.68 -9.15 3.17
C LYS A 183 -12.08 -8.66 3.54
N GLY A 184 -12.88 -8.29 2.56
CA GLY A 184 -14.14 -7.65 2.86
C GLY A 184 -15.21 -8.09 1.86
N GLN A 185 -16.41 -8.34 2.38
CA GLN A 185 -17.58 -8.53 1.55
C GLN A 185 -18.01 -7.17 1.02
N TRP A 186 -18.52 -7.12 -0.20
CA TRP A 186 -19.09 -5.91 -0.69
C TRP A 186 -20.36 -5.60 0.09
N GLU A 187 -20.67 -4.34 0.25
CA GLU A 187 -21.95 -4.02 0.82
C GLU A 187 -23.08 -4.56 -0.07
N LYS A 188 -22.95 -4.38 -1.36
CA LYS A 188 -23.88 -4.95 -2.32
C LYS A 188 -23.11 -5.89 -3.21
N LYS A 189 -23.30 -7.19 -2.98
CA LYS A 189 -22.59 -8.19 -3.72
C LYS A 189 -23.06 -8.24 -5.17
N PHE A 190 -22.18 -8.63 -6.09
CA PHE A 190 -22.57 -8.89 -7.49
C PHE A 190 -23.17 -10.26 -7.61
N ASN A 191 -24.09 -10.42 -8.55
CA ASN A 191 -24.65 -11.76 -8.80
C ASN A 191 -23.81 -12.49 -9.81
N LYS A 192 -23.31 -13.66 -9.43
CA LYS A 192 -22.46 -14.41 -10.27
C LYS A 192 -23.10 -14.85 -11.57
N GLU A 193 -24.39 -15.09 -11.53
CA GLU A 193 -25.17 -15.30 -12.73
C GLU A 193 -25.08 -14.16 -13.73
N ASP A 194 -24.89 -12.90 -13.28
CA ASP A 194 -24.85 -11.75 -14.17
C ASP A 194 -23.49 -11.49 -14.71
N THR A 195 -22.49 -12.28 -14.29
CA THR A 195 -21.12 -12.09 -14.75
C THR A 195 -20.96 -12.69 -16.14
N LYS A 196 -20.35 -11.96 -17.09
CA LYS A 196 -20.22 -12.46 -18.47
C LYS A 196 -18.93 -12.04 -19.09
N GLU A 197 -18.51 -12.81 -20.09
CA GLU A 197 -17.31 -12.48 -20.80
C GLU A 197 -17.50 -11.19 -21.64
N GLU A 198 -16.50 -10.31 -21.62
CA GLU A 198 -16.51 -9.09 -22.37
C GLU A 198 -15.10 -8.74 -22.75
N LYS A 199 -14.99 -7.80 -23.66
CA LYS A 199 -13.78 -7.20 -24.05
C LYS A 199 -13.38 -6.13 -23.07
N PHE A 200 -12.08 -6.13 -22.76
CA PHE A 200 -11.45 -5.13 -21.93
C PHE A 200 -10.43 -4.48 -22.83
N TRP A 201 -10.49 -3.17 -22.96
CA TRP A 201 -9.54 -2.43 -23.84
C TRP A 201 -8.40 -1.74 -23.09
N PRO A 202 -7.17 -2.30 -23.12
CA PRO A 202 -6.09 -1.60 -22.48
C PRO A 202 -5.62 -0.40 -23.27
N ASN A 203 -5.92 -0.41 -24.58
CA ASN A 203 -5.58 0.62 -25.58
C ASN A 203 -6.79 0.72 -26.49
N LYS A 204 -6.84 1.76 -27.30
CA LYS A 204 -8.06 1.93 -28.10
C LYS A 204 -8.19 0.84 -29.18
N ASN A 205 -7.06 0.39 -29.69
CA ASN A 205 -7.08 -0.52 -30.82
C ASN A 205 -6.88 -1.99 -30.41
N THR A 206 -7.00 -2.28 -29.12
CA THR A 206 -6.60 -3.58 -28.62
C THR A 206 -7.51 -4.05 -27.49
N TYR A 207 -7.83 -5.35 -27.47
CA TYR A 207 -8.65 -5.95 -26.41
C TYR A 207 -8.15 -7.34 -25.90
N LYS A 208 -8.53 -7.64 -24.66
CA LYS A 208 -8.32 -8.94 -23.98
C LYS A 208 -9.67 -9.33 -23.45
N SER A 209 -10.01 -10.61 -23.37
CA SER A 209 -11.29 -10.94 -22.76
C SER A 209 -11.18 -10.86 -21.23
N ILE A 210 -12.29 -10.66 -20.59
CA ILE A 210 -12.27 -10.51 -19.15
C ILE A 210 -13.62 -10.98 -18.69
N GLN A 211 -13.73 -11.42 -17.43
CA GLN A 211 -15.04 -11.68 -16.82
C GLN A 211 -15.56 -10.39 -16.20
N MET A 212 -16.69 -9.92 -16.70
CA MET A 212 -17.27 -8.64 -16.28
C MET A 212 -18.45 -8.83 -15.35
N MET A 213 -18.32 -8.33 -14.13
CA MET A 213 -19.36 -8.42 -13.12
C MET A 213 -20.26 -7.23 -13.38
N ARG A 214 -21.54 -7.38 -13.08
CA ARG A 214 -22.50 -6.31 -13.39
C ARG A 214 -23.58 -6.21 -12.34
N GLN A 215 -23.93 -4.96 -12.05
CA GLN A 215 -24.84 -4.63 -10.99
C GLN A 215 -25.49 -3.28 -11.31
N TYR A 216 -26.74 -3.10 -10.92
CA TYR A 216 -27.38 -1.83 -11.09
C TYR A 216 -27.94 -1.42 -9.74
N THR A 217 -27.27 -0.49 -9.07
CA THR A 217 -27.70 -0.11 -7.74
C THR A 217 -27.19 1.27 -7.53
N SER A 218 -27.55 1.92 -6.44
CA SER A 218 -27.04 3.27 -6.21
C SER A 218 -25.77 3.31 -5.37
N PHE A 219 -24.95 4.30 -5.67
CA PHE A 219 -23.63 4.45 -5.13
C PHE A 219 -23.39 5.94 -5.15
N HIS A 220 -22.51 6.42 -4.27
CA HIS A 220 -21.94 7.73 -4.43
C HIS A 220 -21.08 7.78 -5.74
N PHE A 221 -21.37 8.81 -6.54
CA PHE A 221 -20.92 8.97 -7.92
C PHE A 221 -20.63 10.45 -8.19
N ALA A 222 -19.55 10.77 -8.90
CA ALA A 222 -19.40 12.11 -9.52
C ALA A 222 -18.81 12.04 -10.90
N SER A 223 -19.31 12.92 -11.78
CA SER A 223 -18.68 13.22 -13.08
C SER A 223 -17.64 14.32 -12.95
N LEU A 224 -16.40 14.03 -13.29
CA LEU A 224 -15.34 15.06 -13.24
C LEU A 224 -15.13 15.60 -14.67
N GLU A 225 -16.08 16.43 -15.07
CA GLU A 225 -16.09 17.18 -16.35
C GLU A 225 -14.75 17.81 -16.70
N ASP A 226 -14.01 18.23 -15.68
CA ASP A 226 -12.67 18.79 -15.81
C ASP A 226 -11.61 17.82 -16.35
N VAL A 227 -11.48 16.65 -15.73
CA VAL A 227 -10.50 15.67 -16.20
C VAL A 227 -11.10 14.63 -17.13
N GLN A 228 -12.36 14.80 -17.51
CA GLN A 228 -13.05 13.83 -18.34
C GLN A 228 -12.95 12.43 -17.76
N ALA A 229 -13.57 12.27 -16.60
CA ALA A 229 -13.59 11.03 -15.87
C ALA A 229 -14.76 11.00 -14.92
N LYS A 230 -14.97 9.80 -14.39
CA LYS A 230 -15.96 9.54 -13.38
C LYS A 230 -15.35 8.87 -12.12
N VAL A 231 -16.00 9.08 -10.99
CA VAL A 231 -15.62 8.48 -9.70
C VAL A 231 -16.79 7.73 -9.11
N LEU A 232 -16.50 6.57 -8.56
CA LEU A 232 -17.48 5.78 -7.85
C LEU A 232 -16.93 5.29 -6.56
N GLU A 233 -17.75 5.30 -5.54
CA GLU A 233 -17.41 4.68 -4.29
C GLU A 233 -18.21 3.39 -4.13
N ILE A 234 -17.50 2.27 -3.94
CA ILE A 234 -18.10 0.95 -3.79
C ILE A 234 -17.86 0.49 -2.35
N PRO A 235 -18.84 0.62 -1.47
CA PRO A 235 -18.57 0.31 -0.06
C PRO A 235 -18.47 -1.19 0.29
N TYR A 236 -17.62 -1.54 1.25
CA TYR A 236 -17.65 -2.86 1.89
C TYR A 236 -18.76 -2.87 2.95
N LYS A 237 -19.23 -4.06 3.26
CA LYS A 237 -20.28 -4.22 4.24
C LYS A 237 -19.83 -3.61 5.57
N GLY A 238 -20.64 -2.69 6.08
CA GLY A 238 -20.41 -2.06 7.37
C GLY A 238 -19.97 -0.65 7.05
N LYS A 239 -19.45 -0.47 5.84
CA LYS A 239 -19.03 0.85 5.39
C LYS A 239 -17.88 1.44 6.16
N ASP A 240 -17.18 0.66 6.98
CA ASP A 240 -15.93 1.13 7.51
C ASP A 240 -14.81 1.28 6.45
N LEU A 241 -14.93 0.58 5.32
CA LEU A 241 -14.03 0.73 4.16
C LEU A 241 -14.83 0.70 2.89
N SER A 242 -14.22 1.30 1.87
CA SER A 242 -14.73 1.35 0.49
C SER A 242 -13.61 1.22 -0.51
N MET A 243 -13.95 0.76 -1.70
CA MET A 243 -13.04 0.86 -2.82
C MET A 243 -13.54 2.02 -3.63
N ILE A 244 -12.66 2.95 -3.98
CA ILE A 244 -12.96 4.01 -4.87
C ILE A 244 -12.28 3.73 -6.25
N VAL A 245 -13.02 3.90 -7.32
CA VAL A 245 -12.59 3.75 -8.65
C VAL A 245 -12.68 5.09 -9.41
N LEU A 246 -11.61 5.38 -10.13
CA LEU A 246 -11.56 6.51 -11.08
C LEU A 246 -11.35 6.01 -12.51
N LEU A 247 -12.32 6.30 -13.34
CA LEU A 247 -12.47 5.76 -14.67
C LEU A 247 -12.51 6.89 -15.68
N PRO A 248 -11.48 6.99 -16.58
CA PRO A 248 -11.50 8.02 -17.65
C PRO A 248 -12.71 7.85 -18.55
N ASN A 249 -13.18 8.95 -19.10
CA ASN A 249 -14.32 8.81 -20.05
C ASN A 249 -13.89 8.13 -21.33
N GLU A 250 -12.64 8.35 -21.74
CA GLU A 250 -12.11 7.73 -22.94
C GLU A 250 -11.15 6.58 -22.64
N ILE A 251 -11.10 5.60 -23.54
CA ILE A 251 -10.27 4.40 -23.37
C ILE A 251 -8.88 4.78 -23.02
N ASP A 252 -8.36 5.83 -23.66
CA ASP A 252 -7.00 6.25 -23.53
C ASP A 252 -6.89 7.52 -22.70
N GLY A 253 -7.89 7.81 -21.87
CA GLY A 253 -7.82 9.05 -21.04
C GLY A 253 -7.01 8.90 -19.75
N LEU A 254 -6.47 7.72 -19.49
CA LEU A 254 -5.82 7.49 -18.20
C LEU A 254 -4.60 8.39 -17.93
N GLN A 255 -3.75 8.53 -18.93
CA GLN A 255 -2.52 9.32 -18.76
C GLN A 255 -2.79 10.73 -18.26
N LYS A 256 -3.84 11.33 -18.79
CA LYS A 256 -4.19 12.71 -18.44
C LYS A 256 -4.76 12.77 -17.04
N LEU A 257 -5.69 11.88 -16.75
CA LEU A 257 -6.09 11.66 -15.37
C LEU A 257 -4.86 11.45 -14.45
N GLU A 258 -3.91 10.62 -14.84
CA GLU A 258 -2.74 10.39 -13.98
C GLU A 258 -1.90 11.64 -13.81
N GLU A 259 -1.71 12.39 -14.89
CA GLU A 259 -0.96 13.64 -14.86
C GLU A 259 -1.59 14.65 -13.94
N LYS A 260 -2.91 14.67 -13.89
CA LYS A 260 -3.66 15.69 -13.13
C LYS A 260 -3.86 15.39 -11.66
N LEU A 261 -3.74 14.13 -11.27
CA LEU A 261 -4.12 13.71 -9.92
C LEU A 261 -3.11 14.11 -8.84
N THR A 262 -3.58 14.79 -7.81
CA THR A 262 -2.77 15.11 -6.65
C THR A 262 -3.59 14.76 -5.43
N ALA A 263 -2.93 14.79 -4.29
CA ALA A 263 -3.60 14.62 -3.02
C ALA A 263 -4.83 15.49 -2.87
N GLU A 264 -4.68 16.78 -3.15
CA GLU A 264 -5.77 17.73 -2.94
C GLU A 264 -6.93 17.42 -3.84
N LYS A 265 -6.64 17.20 -5.13
CA LYS A 265 -7.69 16.91 -6.10
C LYS A 265 -8.46 15.62 -5.71
N LEU A 266 -7.74 14.58 -5.30
CA LEU A 266 -8.37 13.33 -4.82
C LEU A 266 -9.33 13.60 -3.67
N MET A 267 -8.82 14.23 -2.61
CA MET A 267 -9.67 14.66 -1.51
C MET A 267 -10.89 15.46 -1.98
N GLU A 268 -10.66 16.41 -2.86
CA GLU A 268 -11.78 17.16 -3.45
C GLU A 268 -12.78 16.26 -4.24
N TRP A 269 -12.27 15.43 -5.12
CA TRP A 269 -13.09 14.65 -6.02
C TRP A 269 -13.85 13.55 -5.33
N THR A 270 -13.32 13.06 -4.22
CA THR A 270 -13.90 11.90 -3.54
C THR A 270 -14.60 12.22 -2.25
N SER A 271 -14.81 13.48 -1.91
CA SER A 271 -15.58 13.77 -0.71
C SER A 271 -17.08 13.74 -1.02
N LEU A 272 -17.85 13.31 0.00
CA LEU A 272 -19.29 13.08 -0.15
C LEU A 272 -19.99 14.32 -0.59
N GLN A 273 -19.53 15.47 -0.11
CA GLN A 273 -20.01 16.76 -0.60
C GLN A 273 -20.07 16.82 -2.11
N ASN A 274 -18.99 16.39 -2.77
CA ASN A 274 -18.86 16.50 -4.21
C ASN A 274 -19.36 15.30 -5.01
N MET A 275 -19.95 14.34 -4.33
CA MET A 275 -20.54 13.19 -4.95
C MET A 275 -22.03 13.20 -4.65
N ARG A 276 -22.75 12.28 -5.27
CA ARG A 276 -24.18 12.20 -5.09
C ARG A 276 -24.62 10.76 -5.23
N GLU A 277 -25.59 10.36 -4.40
CA GLU A 277 -26.30 9.11 -4.54
C GLU A 277 -26.82 9.02 -5.95
N THR A 278 -26.50 7.94 -6.65
CA THR A 278 -26.86 7.81 -8.06
C THR A 278 -27.07 6.35 -8.39
N ARG A 279 -28.04 6.08 -9.24
CA ARG A 279 -28.21 4.74 -9.75
C ARG A 279 -27.21 4.50 -10.83
N VAL A 280 -26.41 3.46 -10.67
CA VAL A 280 -25.31 3.29 -11.57
C VAL A 280 -25.36 1.86 -12.08
N ASP A 281 -25.31 1.73 -13.40
CA ASP A 281 -25.05 0.47 -14.03
C ASP A 281 -23.51 0.25 -13.99
N LEU A 282 -23.10 -0.54 -13.01
CA LEU A 282 -21.72 -0.76 -12.74
C LEU A 282 -21.31 -2.05 -13.34
N HIS A 283 -20.32 -1.98 -14.23
CA HIS A 283 -19.68 -3.13 -14.78
C HIS A 283 -18.24 -3.08 -14.26
N LEU A 284 -17.88 -4.06 -13.45
CA LEU A 284 -16.55 -4.12 -12.86
C LEU A 284 -15.97 -5.52 -13.09
N PRO A 285 -14.79 -5.61 -13.68
CA PRO A 285 -14.19 -6.91 -13.91
C PRO A 285 -13.82 -7.70 -12.62
N ARG A 286 -13.93 -9.03 -12.72
CA ARG A 286 -13.26 -9.93 -11.80
C ARG A 286 -11.82 -9.75 -12.14
N PHE A 287 -11.00 -9.39 -11.18
CA PHE A 287 -9.61 -9.24 -11.51
C PHE A 287 -8.69 -9.55 -10.34
N LYS A 288 -7.42 -9.72 -10.68
CA LYS A 288 -6.36 -9.93 -9.70
C LYS A 288 -5.07 -9.24 -10.16
N VAL A 289 -4.41 -8.50 -9.25
CA VAL A 289 -3.13 -7.87 -9.52
C VAL A 289 -2.12 -8.32 -8.48
N GLU A 290 -0.93 -8.71 -8.94
CA GLU A 290 0.20 -9.08 -8.09
C GLU A 290 1.44 -8.35 -8.66
N GLU A 291 2.09 -7.54 -7.85
CA GLU A 291 3.20 -6.74 -8.29
C GLU A 291 4.24 -6.68 -7.18
N SER A 292 5.51 -6.68 -7.58
CA SER A 292 6.65 -6.71 -6.70
C SER A 292 7.46 -5.49 -7.01
N TYR A 293 8.10 -4.91 -6.01
CA TYR A 293 8.87 -3.71 -6.21
C TYR A 293 10.15 -3.80 -5.41
N ASP A 294 11.25 -3.40 -6.03
CA ASP A 294 12.48 -3.17 -5.33
C ASP A 294 12.57 -1.69 -5.21
N LEU A 295 12.50 -1.17 -3.99
CA LEU A 295 12.32 0.26 -3.87
C LEU A 295 13.57 1.07 -3.56
N LYS A 296 14.72 0.42 -3.47
CA LYS A 296 15.91 1.12 -2.96
C LYS A 296 16.21 2.29 -3.89
N ASP A 297 16.21 2.04 -5.21
CA ASP A 297 16.60 3.12 -6.15
C ASP A 297 15.48 4.15 -6.27
N THR A 298 14.24 3.67 -6.28
CA THR A 298 13.10 4.58 -6.26
C THR A 298 13.21 5.52 -5.08
N LEU A 299 13.50 4.96 -3.90
CA LEU A 299 13.61 5.80 -2.70
C LEU A 299 14.80 6.76 -2.74
N ARG A 300 15.96 6.30 -3.23
CA ARG A 300 17.13 7.21 -3.41
C ARG A 300 16.73 8.38 -4.31
N THR A 301 16.20 8.04 -5.48
CA THR A 301 15.66 9.06 -6.46
C THR A 301 14.69 10.08 -5.83
N MET A 302 13.86 9.66 -4.89
CA MET A 302 12.93 10.58 -4.29
C MET A 302 13.59 11.39 -3.19
N GLY A 303 14.84 11.10 -2.84
CA GLY A 303 15.53 11.85 -1.79
C GLY A 303 16.08 11.07 -0.59
N MET A 304 15.89 9.73 -0.50
CA MET A 304 16.40 9.00 0.68
C MET A 304 17.75 8.40 0.36
N VAL A 305 18.84 9.13 0.62
CA VAL A 305 20.14 8.61 0.10
C VAL A 305 21.17 8.20 1.17
N ASP A 306 21.29 8.94 2.27
CA ASP A 306 22.21 8.58 3.34
C ASP A 306 21.89 7.20 3.89
N ILE A 307 20.59 6.91 3.96
CA ILE A 307 20.13 5.70 4.59
C ILE A 307 20.81 4.48 3.92
N PHE A 308 21.16 4.60 2.64
CA PHE A 308 21.69 3.48 1.88
C PHE A 308 23.20 3.54 1.66
N ASN A 309 23.90 4.49 2.26
CA ASN A 309 25.34 4.61 2.01
C ASN A 309 26.08 4.94 3.30
N GLY A 310 27.36 5.26 3.17
CA GLY A 310 28.24 5.50 4.32
C GLY A 310 27.88 6.69 5.15
N ASP A 311 27.05 7.60 4.66
CA ASP A 311 26.55 8.67 5.51
C ASP A 311 25.35 8.27 6.40
N ALA A 312 24.91 7.00 6.31
CA ALA A 312 23.78 6.57 7.17
C ALA A 312 24.02 6.85 8.64
N ASP A 313 23.06 7.54 9.28
CA ASP A 313 23.04 7.64 10.73
C ASP A 313 21.79 6.94 11.29
N LEU A 314 21.97 5.68 11.68
CA LEU A 314 20.97 4.88 12.38
C LEU A 314 21.49 4.55 13.79
N SER A 315 22.10 5.54 14.44
CA SER A 315 22.72 5.35 15.74
C SER A 315 21.65 5.30 16.85
N GLY A 316 20.46 5.81 16.54
CA GLY A 316 19.31 5.66 17.42
C GLY A 316 18.81 4.21 17.57
N MET A 317 19.23 3.31 16.67
CA MET A 317 18.98 1.86 16.76
C MET A 317 19.95 1.13 17.68
N THR A 318 21.23 1.53 17.64
CA THR A 318 22.31 0.76 18.28
C THR A 318 23.27 1.49 19.21
N GLY A 319 23.02 2.76 19.47
CA GLY A 319 23.94 3.59 20.22
C GLY A 319 25.08 4.20 19.41
N SER A 320 25.34 3.76 18.18
CA SER A 320 26.29 4.45 17.31
C SER A 320 26.16 4.14 15.84
N ARG A 321 26.71 5.03 15.02
CA ARG A 321 26.62 4.90 13.58
C ARG A 321 27.28 3.63 13.07
N GLY A 322 26.81 3.13 11.94
CA GLY A 322 27.38 1.93 11.37
C GLY A 322 26.41 1.06 10.62
N LEU A 323 25.14 1.03 11.06
CA LEU A 323 24.11 0.34 10.31
C LEU A 323 23.78 1.08 9.06
N VAL A 324 23.67 0.32 7.96
CA VAL A 324 23.24 0.82 6.64
C VAL A 324 22.13 -0.09 6.11
N LEU A 325 21.19 0.47 5.38
CA LEU A 325 20.20 -0.38 4.71
C LEU A 325 20.76 -0.92 3.41
N SER A 326 20.66 -2.23 3.22
CA SER A 326 20.98 -2.85 1.98
C SER A 326 19.81 -2.96 1.02
N GLY A 327 18.55 -2.84 1.50
CA GLY A 327 17.41 -3.11 0.61
C GLY A 327 16.09 -2.67 1.19
N VAL A 328 15.14 -2.40 0.31
CA VAL A 328 13.74 -2.21 0.68
C VAL A 328 12.84 -2.79 -0.40
N LEU A 329 12.00 -3.77 -0.03
CA LEU A 329 11.23 -4.58 -0.95
C LEU A 329 9.73 -4.44 -0.59
N HIS A 330 8.89 -4.50 -1.58
CA HIS A 330 7.47 -4.38 -1.36
C HIS A 330 6.80 -5.35 -2.31
N LYS A 331 5.76 -5.98 -1.84
CA LYS A 331 5.00 -6.94 -2.64
C LYS A 331 3.51 -6.75 -2.26
N ALA A 332 2.63 -6.78 -3.27
CA ALA A 332 1.21 -6.56 -3.07
C ALA A 332 0.33 -7.41 -3.97
N PHE A 333 -0.81 -7.75 -3.40
CA PHE A 333 -1.80 -8.62 -4.05
C PHE A 333 -3.20 -8.02 -3.87
N VAL A 334 -4.02 -8.17 -4.89
CA VAL A 334 -5.43 -7.90 -4.75
C VAL A 334 -6.21 -8.75 -5.71
N GLU A 335 -7.35 -9.23 -5.23
CA GLU A 335 -8.31 -9.93 -6.04
C GLU A 335 -9.71 -9.39 -5.81
N VAL A 336 -10.44 -9.09 -6.87
CA VAL A 336 -11.80 -8.56 -6.76
C VAL A 336 -12.74 -9.59 -7.32
N THR A 337 -13.77 -9.98 -6.57
CA THR A 337 -14.72 -10.95 -7.12
C THR A 337 -16.13 -10.46 -6.87
N GLU A 338 -17.12 -11.31 -7.17
CA GLU A 338 -18.54 -10.97 -6.96
C GLU A 338 -18.91 -10.71 -5.49
N GLU A 339 -18.21 -11.41 -4.57
CA GLU A 339 -18.44 -11.34 -3.10
C GLU A 339 -17.78 -10.14 -2.37
N GLY A 340 -16.63 -9.69 -2.88
CA GLY A 340 -15.87 -8.66 -2.26
C GLY A 340 -14.46 -8.63 -2.80
N ALA A 341 -13.51 -8.35 -1.92
CA ALA A 341 -12.16 -8.22 -2.36
C ALA A 341 -11.24 -8.66 -1.24
N GLU A 342 -10.07 -9.09 -1.66
CA GLU A 342 -9.01 -9.45 -0.72
C GLU A 342 -7.74 -8.77 -1.22
N ALA A 343 -7.05 -8.09 -0.32
CA ALA A 343 -5.87 -7.32 -0.65
C ALA A 343 -4.83 -7.54 0.44
N ALA A 344 -3.58 -7.69 0.03
CA ALA A 344 -2.48 -7.88 0.99
C ALA A 344 -1.26 -7.26 0.46
N ALA A 345 -0.38 -6.92 1.33
CA ALA A 345 0.94 -6.44 0.92
C ALA A 345 1.93 -6.58 2.09
N ALA A 346 3.19 -6.44 1.80
CA ALA A 346 4.19 -6.43 2.85
C ALA A 346 5.40 -5.67 2.34
N THR A 347 6.15 -5.10 3.28
CA THR A 347 7.29 -4.28 3.03
C THR A 347 8.39 -4.78 3.94
N ALA A 348 9.57 -5.04 3.36
CA ALA A 348 10.75 -5.51 4.15
C ALA A 348 11.88 -4.52 3.98
N VAL A 349 12.45 -4.09 5.08
CA VAL A 349 13.60 -3.17 5.08
C VAL A 349 14.77 -3.95 5.64
N VAL A 350 15.85 -4.10 4.83
CA VAL A 350 17.02 -4.92 5.21
C VAL A 350 18.23 -4.05 5.55
N GLY A 351 18.83 -4.34 6.71
CA GLY A 351 19.93 -3.55 7.30
C GLY A 351 21.12 -4.42 7.62
N PHE A 352 22.30 -3.83 7.50
CA PHE A 352 23.57 -4.55 7.74
C PHE A 352 24.61 -3.57 8.31
N ASN A 360 -29.56 5.66 -13.92
CA ASN A 360 -29.35 6.72 -14.95
C ASN A 360 -27.88 6.89 -15.45
N GLU A 361 -26.86 6.59 -14.63
CA GLU A 361 -25.44 6.68 -15.04
C GLU A 361 -24.78 5.30 -15.28
N GLU A 362 -23.80 5.26 -16.14
CA GLU A 362 -23.09 4.06 -16.44
C GLU A 362 -21.69 4.19 -15.87
N PHE A 363 -21.11 3.08 -15.47
CA PHE A 363 -19.78 3.10 -14.98
C PHE A 363 -19.14 1.80 -15.43
N HIS A 364 -18.60 1.76 -16.64
CA HIS A 364 -18.20 0.53 -17.31
C HIS A 364 -16.70 0.39 -17.31
N CYS A 365 -16.18 -0.46 -16.44
CA CYS A 365 -14.73 -0.51 -16.27
C CYS A 365 -14.08 -1.46 -17.28
N ASN A 366 -14.21 -1.13 -18.58
CA ASN A 366 -13.65 -1.99 -19.66
C ASN A 366 -12.51 -1.37 -20.35
N HIS A 367 -11.83 -0.49 -19.64
CA HIS A 367 -10.62 0.08 -20.10
C HIS A 367 -9.90 0.53 -18.84
N PRO A 368 -8.68 1.07 -18.95
CA PRO A 368 -7.90 1.25 -17.78
C PRO A 368 -8.45 2.23 -16.68
N PHE A 369 -8.34 1.84 -15.41
CA PHE A 369 -8.78 2.67 -14.30
C PHE A 369 -7.85 2.61 -13.09
N LEU A 370 -8.09 3.55 -12.18
CA LEU A 370 -7.31 3.67 -10.95
C LEU A 370 -8.31 3.29 -9.90
N PHE A 371 -7.79 2.65 -8.87
CA PHE A 371 -8.66 2.24 -7.77
C PHE A 371 -7.86 2.21 -6.45
N PHE A 372 -8.59 2.35 -5.36
CA PHE A 372 -7.99 2.28 -4.04
C PHE A 372 -8.95 1.87 -2.96
N ILE A 373 -8.39 1.30 -1.90
CA ILE A 373 -9.15 0.86 -0.78
C ILE A 373 -8.91 1.86 0.34
N ARG A 374 -10.00 2.40 0.84
CA ARG A 374 -9.95 3.48 1.77
C ARG A 374 -10.55 3.04 3.07
N GLN A 375 -9.91 3.40 4.18
CA GLN A 375 -10.48 3.28 5.50
C GLN A 375 -11.26 4.57 5.73
N ASN A 376 -12.58 4.49 5.83
CA ASN A 376 -13.45 5.67 5.78
C ASN A 376 -13.46 6.55 7.04
N LYS A 377 -13.34 5.94 8.19
CA LYS A 377 -13.28 6.64 9.48
C LYS A 377 -12.06 7.56 9.60
N THR A 378 -10.88 7.03 9.26
CA THR A 378 -9.60 7.74 9.36
C THR A 378 -9.34 8.43 8.07
N ASN A 379 -10.14 8.12 7.08
CA ASN A 379 -9.89 8.55 5.76
C ASN A 379 -8.47 8.22 5.17
N SER A 380 -8.00 7.00 5.38
CA SER A 380 -6.67 6.62 5.02
C SER A 380 -6.71 5.75 3.78
N ILE A 381 -5.71 5.90 2.94
CA ILE A 381 -5.60 5.01 1.76
C ILE A 381 -4.66 3.86 2.06
N LEU A 382 -5.23 2.66 2.09
CA LEU A 382 -4.53 1.46 2.52
C LEU A 382 -3.81 0.81 1.33
N PHE A 383 -4.50 0.86 0.20
CA PHE A 383 -4.04 0.22 -1.04
C PHE A 383 -4.40 1.11 -2.21
N TYR A 384 -3.48 1.25 -3.15
CA TYR A 384 -3.68 2.04 -4.37
C TYR A 384 -3.22 1.27 -5.59
N GLY A 385 -3.92 1.48 -6.72
CA GLY A 385 -3.57 0.75 -7.93
C GLY A 385 -4.08 1.29 -9.26
N ARG A 386 -3.47 0.75 -10.31
CA ARG A 386 -3.94 0.96 -11.67
C ARG A 386 -4.18 -0.38 -12.26
N PHE A 387 -5.39 -0.60 -12.75
CA PHE A 387 -5.65 -1.74 -13.54
C PHE A 387 -5.67 -1.41 -15.06
N SER A 388 -4.61 -1.84 -15.74
CA SER A 388 -4.39 -1.57 -17.14
C SER A 388 -4.74 -2.73 -18.07
N SER A 389 -4.67 -3.96 -17.56
CA SER A 389 -4.87 -5.11 -18.41
C SER A 389 -4.95 -6.42 -17.64
N PRO A 390 -5.86 -7.31 -18.06
CA PRO A 390 -5.78 -8.61 -17.43
C PRO A 390 -4.62 -9.37 -18.03
ZN ZN B . -25.16 -3.34 -17.08
ZN ZN C . -25.12 7.60 0.58
#